data_1CQ6
#
_entry.id   1CQ6
#
_cell.length_a   157.15
_cell.length_b   86.32
_cell.length_c   79.24
_cell.angle_alpha   90
_cell.angle_beta   90
_cell.angle_gamma   90
#
_symmetry.space_group_name_H-M   'C 2 2 21'
#
loop_
_entity.id
_entity.type
_entity.pdbx_description
1 polymer 'ASPARTATE AMINOTRANSFERASE'
2 non-polymer '2-[O-PHOSPHONOPYRIDOXYL]-AMINO- BUTYRIC ACID'
3 water water
#
_entity_poly.entity_id   1
_entity_poly.type   'polypeptide(L)'
_entity_poly.pdbx_seq_one_letter_code
;MFENITAAPADPILGLADLFRADERPGKINLGIGVYKDETGKTPVLTSVKKAEQYLLENETTKNYLGIDGIPEFGRCTQE
LLFGKGSALINDKRARTAQTPGGTGALRVAADFLAKNTSVKRVWVSNPSWPNHKSVFNSAGLEVREYAYYDAENHTLDFD
ALINSLNEAQAGDVVLFHGCCHNPTGIDPTLEQWQTLAQLSVEKGWLPLFDFAYQGFARGLEEDAEGLRAFAAMHKELIV
ASSYSKNFGLYNERVGACTLVAADSETVDRAFSQMKAAIRANYSNPPAHGASVVATILSNDALRAIWEQELTDMRQRIQR
MRQLFVNTLQEKGANRDFSFIIKQNGMFSFSGLTKEQVLRLREEFGVYAVASGRVNVAGMTPDNMAPLCEAIVAVL
;
_entity_poly.pdbx_strand_id   A
#
loop_
_chem_comp.id
_chem_comp.type
_chem_comp.name
_chem_comp.formula
PY4 non-polymer '2-[O-PHOSPHONOPYRIDOXYL]-AMINO- BUTYRIC ACID' 'C12 H19 N2 O7 P'
#
# COMPACT_ATOMS: atom_id res chain seq x y z
N MET A 1 -25.61 -25.80 -11.85
CA MET A 1 -24.81 -24.89 -12.70
C MET A 1 -23.36 -24.78 -12.21
N PHE A 2 -23.11 -25.31 -11.01
CA PHE A 2 -21.78 -25.24 -10.40
C PHE A 2 -20.92 -26.47 -10.58
N GLU A 3 -21.50 -27.54 -11.11
CA GLU A 3 -20.77 -28.80 -11.31
C GLU A 3 -19.53 -28.78 -12.20
N ASN A 4 -19.34 -27.73 -12.97
CA ASN A 4 -18.14 -27.71 -13.80
C ASN A 4 -17.21 -26.58 -13.47
N ILE A 5 -17.49 -25.87 -12.37
CA ILE A 5 -16.66 -24.75 -11.97
C ILE A 5 -15.21 -25.16 -11.73
N THR A 6 -14.31 -24.37 -12.28
CA THR A 6 -12.88 -24.59 -12.14
C THR A 6 -12.42 -24.08 -10.78
N ALA A 7 -11.75 -24.95 -10.02
CA ALA A 7 -11.23 -24.57 -8.73
C ALA A 7 -10.15 -23.50 -8.92
N ALA A 8 -10.31 -22.38 -8.24
CA ALA A 8 -9.36 -21.29 -8.35
C ALA A 8 -8.00 -21.66 -7.77
N PRO A 9 -6.92 -21.13 -8.36
CA PRO A 9 -5.56 -21.42 -7.90
C PRO A 9 -5.30 -20.59 -6.63
N ALA A 10 -4.30 -20.97 -5.85
CA ALA A 10 -3.99 -20.24 -4.62
C ALA A 10 -3.34 -18.87 -4.83
N ASP A 11 -3.76 -17.88 -4.04
CA ASP A 11 -3.20 -16.53 -4.12
C ASP A 11 -1.75 -16.65 -3.67
N PRO A 12 -0.82 -15.98 -4.39
CA PRO A 12 0.62 -15.98 -4.10
C PRO A 12 1.06 -15.59 -2.69
N ILE A 13 0.21 -14.87 -1.97
CA ILE A 13 0.52 -14.42 -0.61
C ILE A 13 -0.26 -15.19 0.47
N LEU A 14 -1.57 -15.23 0.33
CA LEU A 14 -2.43 -15.93 1.29
C LEU A 14 -2.07 -17.39 1.41
N GLY A 15 -2.01 -18.08 0.26
CA GLY A 15 -1.68 -19.49 0.22
C GLY A 15 -0.36 -19.84 0.89
N LEU A 16 0.32 -18.81 1.39
CA LEU A 16 1.59 -18.98 2.09
C LEU A 16 1.25 -19.17 3.57
N ALA A 17 0.60 -18.18 4.17
CA ALA A 17 0.25 -18.30 5.58
C ALA A 17 -0.72 -19.46 5.79
N ASP A 18 -1.69 -19.61 4.89
CA ASP A 18 -2.67 -20.69 5.01
C ASP A 18 -2.00 -22.06 5.14
N LEU A 19 -0.77 -22.17 4.65
CA LEU A 19 -0.01 -23.41 4.74
C LEU A 19 0.88 -23.31 5.97
N PHE A 20 1.40 -22.10 6.21
CA PHE A 20 2.26 -21.85 7.36
C PHE A 20 1.50 -22.39 8.57
N ARG A 21 0.21 -22.04 8.62
CA ARG A 21 -0.71 -22.44 9.65
C ARG A 21 -1.02 -23.93 9.44
N ALA A 22 0.02 -24.75 9.55
CA ALA A 22 -0.06 -26.19 9.38
C ALA A 22 1.31 -26.83 9.57
N ASP A 23 2.36 -26.05 9.40
CA ASP A 23 3.71 -26.59 9.56
C ASP A 23 4.23 -26.45 10.99
N GLU A 24 3.82 -27.37 11.86
CA GLU A 24 4.19 -27.36 13.28
C GLU A 24 5.60 -26.89 13.62
N ARG A 25 6.56 -27.30 12.81
CA ARG A 25 7.97 -26.99 12.99
C ARG A 25 8.34 -25.91 14.00
N PRO A 26 8.99 -26.31 15.10
CA PRO A 26 9.42 -25.36 16.13
C PRO A 26 10.52 -24.44 15.58
N GLY A 27 10.27 -23.13 15.59
CA GLY A 27 11.22 -22.16 15.07
C GLY A 27 10.77 -21.64 13.72
N LYS A 28 9.57 -22.05 13.32
CA LYS A 28 8.98 -21.66 12.05
C LYS A 28 8.78 -20.15 11.84
N ILE A 29 9.75 -19.50 11.24
CA ILE A 29 9.67 -18.06 10.95
C ILE A 29 8.69 -17.85 9.79
N ASN A 30 8.10 -16.66 9.71
CA ASN A 30 7.16 -16.33 8.63
C ASN A 30 7.40 -14.91 8.18
N LEU A 31 7.76 -14.77 6.90
CA LEU A 31 8.04 -13.47 6.35
C LEU A 31 7.12 -13.03 5.20
N GLY A 32 5.99 -13.72 5.10
CA GLY A 32 5.06 -13.41 4.05
C GLY A 32 4.21 -12.21 4.43
N ILE A 33 3.16 -12.52 5.18
CA ILE A 33 2.19 -11.56 5.73
C ILE A 33 2.57 -10.05 5.79
N GLY A 34 2.41 -9.31 4.72
CA GLY A 34 2.65 -7.87 4.84
C GLY A 34 1.93 -7.09 5.93
N VAL A 35 1.83 -7.66 7.12
CA VAL A 35 1.21 -7.15 8.33
C VAL A 35 2.36 -6.91 9.31
N TYR A 36 2.28 -5.83 10.08
CA TYR A 36 3.33 -5.49 11.03
C TYR A 36 3.31 -6.35 12.32
N LYS A 37 4.49 -6.64 12.87
CA LYS A 37 4.64 -7.42 14.09
C LYS A 37 5.71 -6.78 14.98
N ASP A 38 5.40 -6.56 16.25
CA ASP A 38 6.38 -5.94 17.13
C ASP A 38 7.52 -6.87 17.53
N GLU A 39 8.35 -6.43 18.46
CA GLU A 39 9.50 -7.20 18.94
C GLU A 39 9.09 -8.53 19.57
N THR A 40 7.79 -8.75 19.69
CA THR A 40 7.26 -9.98 20.26
C THR A 40 6.62 -10.84 19.17
N GLY A 41 6.49 -10.27 17.97
CA GLY A 41 5.89 -11.00 16.88
C GLY A 41 4.40 -11.03 17.11
N LYS A 42 3.86 -9.88 17.46
CA LYS A 42 2.44 -9.76 17.72
C LYS A 42 1.98 -8.54 16.96
N THR A 43 0.74 -8.59 16.50
CA THR A 43 0.17 -7.47 15.77
C THR A 43 -0.87 -6.94 16.71
N PRO A 44 -0.47 -5.99 17.57
CA PRO A 44 -1.38 -5.39 18.55
C PRO A 44 -2.27 -4.31 17.97
N VAL A 45 -3.28 -3.95 18.75
CA VAL A 45 -4.16 -2.88 18.32
C VAL A 45 -3.56 -1.67 19.01
N LEU A 46 -3.23 -0.64 18.22
CA LEU A 46 -2.63 0.58 18.74
C LEU A 46 -3.45 1.10 19.93
N THR A 47 -2.77 1.83 20.83
CA THR A 47 -3.42 2.38 22.01
C THR A 47 -4.39 3.47 21.62
N SER A 48 -3.96 4.30 20.67
CA SER A 48 -4.80 5.37 20.20
C SER A 48 -6.14 4.84 19.70
N VAL A 49 -6.10 3.77 18.90
CA VAL A 49 -7.36 3.23 18.38
C VAL A 49 -8.14 2.64 19.53
N LYS A 50 -7.43 2.04 20.49
CA LYS A 50 -8.09 1.45 21.65
C LYS A 50 -8.83 2.56 22.39
N LYS A 51 -8.19 3.71 22.56
CA LYS A 51 -8.85 4.81 23.24
C LYS A 51 -10.02 5.32 22.44
N ALA A 52 -9.85 5.39 21.11
CA ALA A 52 -10.90 5.86 20.22
C ALA A 52 -12.12 4.95 20.28
N GLU A 53 -11.88 3.65 20.38
CA GLU A 53 -12.99 2.71 20.46
C GLU A 53 -13.80 2.87 21.74
N GLN A 54 -13.16 3.23 22.85
CA GLN A 54 -13.86 3.45 24.13
C GLN A 54 -14.76 4.66 23.97
N TYR A 55 -14.17 5.74 23.45
CA TYR A 55 -14.92 6.96 23.21
C TYR A 55 -16.12 6.63 22.36
N LEU A 56 -15.92 5.88 21.28
CA LEU A 56 -17.04 5.53 20.41
C LEU A 56 -18.09 4.75 21.18
N LEU A 57 -17.66 3.68 21.84
CA LEU A 57 -18.55 2.84 22.60
C LEU A 57 -19.42 3.65 23.53
N GLU A 58 -18.86 4.70 24.10
CA GLU A 58 -19.62 5.53 25.01
C GLU A 58 -20.56 6.53 24.34
N ASN A 59 -20.05 7.20 23.30
CA ASN A 59 -20.82 8.22 22.59
C ASN A 59 -21.78 7.85 21.47
N GLU A 60 -21.49 6.79 20.72
CA GLU A 60 -22.37 6.37 19.63
C GLU A 60 -23.76 6.13 20.13
N THR A 61 -24.74 6.75 19.49
CA THR A 61 -26.12 6.55 19.90
C THR A 61 -26.92 5.88 18.80
N THR A 62 -26.30 5.70 17.65
CA THR A 62 -26.99 5.09 16.52
C THR A 62 -26.03 4.42 15.55
N LYS A 63 -26.59 3.45 14.83
CA LYS A 63 -25.86 2.70 13.80
C LYS A 63 -26.43 3.02 12.40
N ASN A 64 -27.42 3.90 12.33
CA ASN A 64 -28.04 4.30 11.07
C ASN A 64 -27.01 4.55 9.97
N TYR A 65 -27.40 4.20 8.74
CA TYR A 65 -26.57 4.30 7.54
C TYR A 65 -25.79 5.56 7.37
N LEU A 66 -24.63 5.41 6.76
CA LEU A 66 -23.76 6.53 6.46
C LEU A 66 -24.09 6.98 5.01
N GLY A 67 -23.62 8.18 4.64
CA GLY A 67 -23.84 8.64 3.29
C GLY A 67 -23.03 7.69 2.42
N ILE A 68 -23.30 7.62 1.12
CA ILE A 68 -22.56 6.72 0.23
C ILE A 68 -21.06 7.00 0.28
N ASP A 69 -20.71 8.25 0.52
CA ASP A 69 -19.31 8.65 0.59
C ASP A 69 -18.67 8.51 1.96
N GLY A 70 -19.45 8.06 2.93
CA GLY A 70 -18.93 7.85 4.27
C GLY A 70 -18.95 9.05 5.22
N ILE A 71 -17.98 9.07 6.14
CA ILE A 71 -17.86 10.11 7.15
C ILE A 71 -17.13 11.37 6.69
N PRO A 72 -17.83 12.52 6.72
CA PRO A 72 -17.29 13.82 6.32
C PRO A 72 -15.93 14.14 6.93
N GLU A 73 -15.81 14.08 8.26
CA GLU A 73 -14.54 14.37 8.93
C GLU A 73 -13.47 13.43 8.45
N PHE A 74 -13.87 12.21 8.10
CA PHE A 74 -12.91 11.25 7.60
C PHE A 74 -12.32 11.78 6.30
N GLY A 75 -13.17 12.01 5.30
CA GLY A 75 -12.71 12.52 4.01
C GLY A 75 -11.86 13.78 4.09
N ARG A 76 -12.30 14.72 4.92
CA ARG A 76 -11.60 15.99 5.15
C ARG A 76 -10.18 15.75 5.69
N CYS A 77 -10.06 14.89 6.69
CA CYS A 77 -8.76 14.56 7.29
C CYS A 77 -7.82 13.91 6.33
N THR A 78 -8.29 12.87 5.62
CA THR A 78 -7.44 12.16 4.65
C THR A 78 -6.97 13.12 3.58
N GLN A 79 -7.80 14.10 3.29
CA GLN A 79 -7.48 15.11 2.30
C GLN A 79 -6.25 15.87 2.76
N GLU A 80 -6.33 16.42 3.96
CA GLU A 80 -5.23 17.18 4.53
C GLU A 80 -3.97 16.33 4.71
N LEU A 81 -4.15 15.05 5.00
CA LEU A 81 -3.00 14.17 5.18
C LEU A 81 -2.25 13.98 3.86
N LEU A 82 -3.01 13.85 2.78
CA LEU A 82 -2.51 13.63 1.42
C LEU A 82 -1.99 14.87 0.74
N PHE A 83 -2.88 15.82 0.48
CA PHE A 83 -2.51 17.05 -0.23
C PHE A 83 -1.87 18.14 0.61
N GLY A 84 -1.94 18.01 1.92
CA GLY A 84 -1.36 19.01 2.78
C GLY A 84 -2.42 19.98 3.27
N LYS A 85 -1.99 20.88 4.14
CA LYS A 85 -2.89 21.87 4.73
C LYS A 85 -2.71 23.18 3.99
N GLY A 86 -3.81 23.72 3.49
CA GLY A 86 -3.73 24.97 2.76
C GLY A 86 -3.36 24.66 1.32
N SER A 87 -3.46 23.39 0.97
CA SER A 87 -3.17 22.94 -0.38
C SER A 87 -4.26 23.52 -1.27
N ALA A 88 -3.86 24.03 -2.42
CA ALA A 88 -4.79 24.62 -3.36
C ALA A 88 -6.00 23.75 -3.64
N LEU A 89 -5.75 22.55 -4.14
CA LEU A 89 -6.86 21.65 -4.48
C LEU A 89 -7.83 21.41 -3.34
N ILE A 90 -7.41 21.74 -2.12
CA ILE A 90 -8.30 21.58 -0.99
C ILE A 90 -9.14 22.86 -1.00
N ASN A 91 -8.47 23.99 -0.81
CA ASN A 91 -9.11 25.30 -0.76
C ASN A 91 -9.99 25.61 -1.97
N ASP A 92 -9.59 25.13 -3.14
CA ASP A 92 -10.35 25.36 -4.36
C ASP A 92 -11.59 24.48 -4.44
N LYS A 93 -11.54 23.35 -3.74
CA LYS A 93 -12.62 22.37 -3.71
C LYS A 93 -12.61 21.51 -4.97
N ARG A 94 -11.41 21.16 -5.42
CA ARG A 94 -11.22 20.36 -6.62
C ARG A 94 -11.21 18.87 -6.32
N ALA A 95 -11.27 18.50 -5.04
CA ALA A 95 -11.25 17.10 -4.67
C ALA A 95 -12.50 16.65 -3.93
N ARG A 96 -12.78 15.36 -4.03
CA ARG A 96 -13.92 14.74 -3.36
C ARG A 96 -13.42 13.40 -2.86
N THR A 97 -13.73 13.07 -1.61
CA THR A 97 -13.27 11.83 -1.03
C THR A 97 -14.38 10.92 -0.59
N ALA A 98 -14.21 9.62 -0.80
CA ALA A 98 -15.20 8.63 -0.43
C ALA A 98 -14.55 7.55 0.42
N GLN A 99 -15.19 7.21 1.53
CA GLN A 99 -14.68 6.19 2.43
C GLN A 99 -15.02 4.87 1.81
N THR A 100 -14.06 3.96 1.78
CA THR A 100 -14.27 2.64 1.18
C THR A 100 -13.69 1.55 2.07
N PRO A 101 -14.05 0.29 1.81
CA PRO A 101 -13.56 -0.86 2.56
C PRO A 101 -12.08 -1.11 2.27
N GLY A 102 -11.19 -0.35 2.89
CA GLY A 102 -9.77 -0.57 2.67
C GLY A 102 -9.25 0.02 1.38
N GLY A 103 -7.93 -0.01 1.20
CA GLY A 103 -7.32 0.54 0.00
C GLY A 103 -7.71 -0.22 -1.26
N THR A 104 -8.00 -1.52 -1.13
CA THR A 104 -8.40 -2.34 -2.25
C THR A 104 -9.79 -1.95 -2.78
N GLY A 105 -10.70 -1.64 -1.88
CA GLY A 105 -12.03 -1.24 -2.31
C GLY A 105 -11.99 0.12 -2.98
N ALA A 106 -10.94 0.88 -2.68
CA ALA A 106 -10.78 2.19 -3.27
C ALA A 106 -10.36 1.93 -4.71
N LEU A 107 -9.46 0.96 -4.89
CA LEU A 107 -8.98 0.58 -6.20
C LEU A 107 -10.18 0.13 -7.01
N ARG A 108 -10.86 -0.92 -6.54
CA ARG A 108 -12.04 -1.43 -7.24
C ARG A 108 -13.04 -0.33 -7.54
N VAL A 109 -13.12 0.66 -6.66
CA VAL A 109 -14.05 1.76 -6.87
C VAL A 109 -13.53 2.69 -8.00
N ALA A 110 -12.23 2.95 -8.03
CA ALA A 110 -11.66 3.80 -9.06
C ALA A 110 -11.90 3.08 -10.38
N ALA A 111 -11.51 1.82 -10.42
CA ALA A 111 -11.66 0.98 -11.58
C ALA A 111 -13.07 1.05 -12.18
N ASP A 112 -14.06 0.63 -11.40
CA ASP A 112 -15.43 0.66 -11.87
C ASP A 112 -15.84 2.06 -12.31
N PHE A 113 -15.32 3.08 -11.63
CA PHE A 113 -15.65 4.42 -12.03
C PHE A 113 -15.18 4.57 -13.46
N LEU A 114 -13.87 4.54 -13.63
CA LEU A 114 -13.19 4.65 -14.92
C LEU A 114 -13.82 3.76 -15.98
N ALA A 115 -13.87 2.48 -15.68
CA ALA A 115 -14.42 1.50 -16.59
C ALA A 115 -15.77 1.80 -17.24
N LYS A 116 -16.66 2.49 -16.54
CA LYS A 116 -17.99 2.78 -17.09
C LYS A 116 -18.29 4.23 -17.39
N ASN A 117 -17.43 5.14 -16.94
CA ASN A 117 -17.66 6.56 -17.15
C ASN A 117 -16.56 7.26 -17.94
N THR A 118 -15.61 6.49 -18.47
CA THR A 118 -14.54 7.07 -19.27
C THR A 118 -14.02 6.12 -20.37
N SER A 119 -13.23 6.71 -21.24
CA SER A 119 -12.61 6.02 -22.35
C SER A 119 -11.25 5.49 -21.91
N VAL A 120 -11.24 4.67 -20.87
CA VAL A 120 -9.98 4.13 -20.38
C VAL A 120 -10.05 2.65 -20.67
N LYS A 121 -8.96 2.11 -21.21
CA LYS A 121 -8.93 0.70 -21.55
C LYS A 121 -7.76 0.02 -20.87
N ARG A 122 -6.66 0.76 -20.69
CA ARG A 122 -5.47 0.19 -20.08
C ARG A 122 -5.01 0.90 -18.83
N VAL A 123 -4.33 0.12 -18.00
CA VAL A 123 -3.76 0.60 -16.75
C VAL A 123 -2.33 0.12 -16.81
N TRP A 124 -1.40 0.93 -16.35
CA TRP A 124 0.01 0.58 -16.35
C TRP A 124 0.51 0.35 -14.94
N VAL A 125 0.70 -0.91 -14.58
CA VAL A 125 1.20 -1.31 -13.27
C VAL A 125 2.67 -1.64 -13.45
N SER A 126 3.49 -1.35 -12.45
CA SER A 126 4.92 -1.62 -12.55
C SER A 126 5.25 -3.10 -12.48
N ASN A 127 6.52 -3.39 -12.71
CA ASN A 127 7.00 -4.75 -12.60
C ASN A 127 8.23 -4.80 -11.71
N PRO A 128 8.13 -5.50 -10.58
CA PRO A 128 6.84 -6.14 -10.27
C PRO A 128 5.95 -5.18 -9.50
N SER A 129 4.90 -5.71 -8.92
CA SER A 129 3.97 -4.92 -8.14
C SER A 129 2.99 -5.85 -7.45
N TRP A 130 2.40 -5.36 -6.37
CA TRP A 130 1.42 -6.09 -5.60
C TRP A 130 0.51 -6.84 -6.59
N PRO A 131 0.57 -8.18 -6.58
CA PRO A 131 -0.20 -9.09 -7.42
C PRO A 131 -1.66 -8.73 -7.64
N ASN A 132 -2.37 -8.46 -6.55
CA ASN A 132 -3.79 -8.15 -6.63
C ASN A 132 -4.17 -6.96 -7.48
N HIS A 133 -3.19 -6.15 -7.86
CA HIS A 133 -3.48 -5.01 -8.69
C HIS A 133 -4.15 -5.43 -10.01
N LYS A 134 -3.50 -6.34 -10.72
CA LYS A 134 -4.02 -6.86 -11.97
C LYS A 134 -5.43 -7.45 -11.82
N SER A 135 -5.60 -8.36 -10.85
CA SER A 135 -6.89 -9.01 -10.62
C SER A 135 -8.01 -8.01 -10.43
N VAL A 136 -7.71 -6.97 -9.67
CA VAL A 136 -8.67 -5.92 -9.39
C VAL A 136 -9.03 -5.21 -10.68
N PHE A 137 -8.04 -4.67 -11.38
CA PHE A 137 -8.28 -3.98 -12.65
C PHE A 137 -8.95 -4.83 -13.71
N ASN A 138 -8.56 -6.10 -13.79
CA ASN A 138 -9.16 -6.99 -14.77
C ASN A 138 -10.61 -7.26 -14.46
N SER A 139 -10.95 -7.38 -13.19
CA SER A 139 -12.33 -7.66 -12.81
C SER A 139 -13.27 -6.56 -13.28
N ALA A 140 -12.71 -5.39 -13.53
CA ALA A 140 -13.49 -4.25 -14.00
C ALA A 140 -13.57 -4.26 -15.52
N GLY A 141 -12.77 -5.11 -16.16
CA GLY A 141 -12.74 -5.21 -17.60
C GLY A 141 -11.59 -4.45 -18.22
N LEU A 142 -10.76 -3.82 -17.39
CA LEU A 142 -9.62 -3.04 -17.86
C LEU A 142 -8.41 -3.92 -18.16
N GLU A 143 -7.52 -3.40 -19.00
CA GLU A 143 -6.33 -4.10 -19.42
C GLU A 143 -5.13 -3.62 -18.60
N VAL A 144 -4.27 -4.56 -18.24
CA VAL A 144 -3.09 -4.25 -17.45
C VAL A 144 -1.84 -4.47 -18.28
N ARG A 145 -0.98 -3.45 -18.34
CA ARG A 145 0.29 -3.46 -19.07
C ARG A 145 1.40 -3.07 -18.10
N GLU A 146 2.44 -3.89 -18.03
CA GLU A 146 3.55 -3.65 -17.12
C GLU A 146 4.69 -2.81 -17.65
N TYR A 147 5.11 -1.82 -16.87
CA TYR A 147 6.24 -1.00 -17.26
C TYR A 147 7.39 -1.45 -16.35
N ALA A 148 8.54 -1.68 -16.95
CA ALA A 148 9.74 -2.13 -16.23
C ALA A 148 10.02 -1.27 -14.99
N TYR A 149 10.72 -1.83 -14.01
CA TYR A 149 11.01 -1.07 -12.80
C TYR A 149 12.28 -1.46 -12.06
N TYR A 150 12.38 -2.72 -11.67
CA TYR A 150 13.51 -3.20 -10.91
C TYR A 150 14.81 -3.58 -11.63
N ASP A 151 15.92 -3.03 -11.17
CA ASP A 151 17.26 -3.31 -11.71
C ASP A 151 17.79 -4.51 -10.93
N ALA A 152 17.35 -5.71 -11.32
CA ALA A 152 17.75 -6.96 -10.67
C ALA A 152 19.23 -7.06 -10.31
N GLU A 153 20.08 -6.32 -11.02
CA GLU A 153 21.52 -6.34 -10.77
C GLU A 153 21.94 -5.42 -9.62
N ASN A 154 21.89 -4.11 -9.86
CA ASN A 154 22.30 -3.15 -8.84
C ASN A 154 21.31 -3.03 -7.69
N HIS A 155 20.16 -3.68 -7.82
CA HIS A 155 19.11 -3.63 -6.80
C HIS A 155 18.67 -2.18 -6.63
N THR A 156 18.27 -1.56 -7.74
CA THR A 156 17.82 -0.17 -7.75
C THR A 156 16.70 0.11 -8.78
N LEU A 157 16.24 1.35 -8.81
CA LEU A 157 15.16 1.80 -9.68
C LEU A 157 15.74 2.17 -11.05
N ASP A 158 15.40 1.38 -12.07
CA ASP A 158 15.89 1.62 -13.42
C ASP A 158 15.08 2.69 -14.13
N PHE A 159 15.36 3.94 -13.83
CA PHE A 159 14.61 5.04 -14.43
C PHE A 159 14.54 4.96 -15.95
N ASP A 160 15.67 4.63 -16.58
CA ASP A 160 15.75 4.53 -18.04
C ASP A 160 14.70 3.56 -18.56
N ALA A 161 14.85 2.30 -18.21
CA ALA A 161 13.90 1.27 -18.66
C ALA A 161 12.47 1.73 -18.44
N LEU A 162 12.22 2.30 -17.26
CA LEU A 162 10.89 2.79 -16.88
C LEU A 162 10.37 3.75 -17.94
N ILE A 163 10.98 4.93 -18.05
CA ILE A 163 10.57 5.92 -19.03
C ILE A 163 10.39 5.27 -20.38
N ASN A 164 11.43 4.58 -20.83
CA ASN A 164 11.42 3.90 -22.12
C ASN A 164 10.21 2.98 -22.28
N SER A 165 9.80 2.33 -21.20
CA SER A 165 8.65 1.43 -21.25
C SER A 165 7.35 2.24 -21.20
N LEU A 166 7.38 3.32 -20.43
CA LEU A 166 6.22 4.19 -20.25
C LEU A 166 5.82 4.96 -21.50
N ASN A 167 6.81 5.31 -22.32
CA ASN A 167 6.56 6.05 -23.57
C ASN A 167 5.57 5.38 -24.51
N GLU A 168 5.53 4.05 -24.48
CA GLU A 168 4.61 3.30 -25.34
C GLU A 168 3.17 3.49 -24.86
N ALA A 169 3.03 3.83 -23.58
CA ALA A 169 1.71 4.08 -23.03
C ALA A 169 1.20 5.31 -23.75
N GLN A 170 -0.04 5.27 -24.18
CA GLN A 170 -0.66 6.37 -24.91
C GLN A 170 -1.25 7.40 -23.95
N ALA A 171 -1.84 8.44 -24.51
CA ALA A 171 -2.46 9.48 -23.72
C ALA A 171 -3.85 8.95 -23.38
N GLY A 172 -4.37 9.37 -22.23
CA GLY A 172 -5.69 8.92 -21.80
C GLY A 172 -5.59 7.55 -21.16
N ASP A 173 -4.37 7.13 -20.86
CA ASP A 173 -4.10 5.85 -20.21
C ASP A 173 -3.88 6.13 -18.73
N VAL A 174 -4.16 5.14 -17.89
CA VAL A 174 -3.97 5.30 -16.45
C VAL A 174 -2.63 4.71 -16.09
N VAL A 175 -1.78 5.51 -15.47
CA VAL A 175 -0.51 4.98 -15.04
C VAL A 175 -0.65 4.95 -13.51
N LEU A 176 -0.38 3.77 -12.92
CA LEU A 176 -0.49 3.59 -11.48
C LEU A 176 0.84 3.64 -10.75
N PHE A 177 0.96 4.61 -9.85
CA PHE A 177 2.15 4.76 -9.03
C PHE A 177 1.95 4.21 -7.61
N HIS A 178 3.02 4.19 -6.84
CA HIS A 178 2.97 3.75 -5.45
C HIS A 178 3.54 4.96 -4.74
N GLY A 179 2.68 5.69 -4.02
CA GLY A 179 3.10 6.89 -3.31
C GLY A 179 4.42 6.74 -2.57
N CYS A 180 4.60 5.61 -1.88
CA CYS A 180 5.83 5.31 -1.15
C CYS A 180 5.83 3.82 -0.80
N CYS A 181 6.99 3.33 -0.34
CA CYS A 181 7.21 1.94 0.05
C CYS A 181 6.65 0.98 -0.99
N HIS A 182 7.30 1.00 -2.15
CA HIS A 182 6.91 0.18 -3.28
C HIS A 182 6.79 -1.28 -2.92
N ASN A 183 5.61 -1.85 -3.12
CA ASN A 183 5.43 -3.27 -2.86
C ASN A 183 5.79 -3.85 -4.24
N PRO A 184 6.74 -4.82 -4.32
CA PRO A 184 7.52 -5.46 -3.27
C PRO A 184 9.00 -5.10 -3.22
N THR A 185 9.40 -4.11 -4.02
CA THR A 185 10.80 -3.74 -4.07
C THR A 185 11.32 -2.83 -2.96
N GLY A 186 10.44 -2.03 -2.38
CA GLY A 186 10.87 -1.14 -1.32
C GLY A 186 11.60 0.06 -1.88
N ILE A 187 11.95 0.00 -3.16
CA ILE A 187 12.63 1.13 -3.80
C ILE A 187 11.59 2.14 -4.25
N ASP A 188 11.82 3.41 -3.92
CA ASP A 188 10.91 4.48 -4.28
C ASP A 188 11.66 5.55 -5.02
N PRO A 189 10.96 6.28 -5.90
CA PRO A 189 11.58 7.34 -6.68
C PRO A 189 12.04 8.43 -5.75
N THR A 190 13.03 9.18 -6.21
CA THR A 190 13.54 10.29 -5.44
C THR A 190 12.57 11.41 -5.75
N LEU A 191 12.69 12.55 -5.09
CA LEU A 191 11.80 13.65 -5.38
C LEU A 191 12.10 14.13 -6.79
N GLU A 192 13.38 14.15 -7.15
CA GLU A 192 13.81 14.59 -8.48
C GLU A 192 13.16 13.74 -9.55
N GLN A 193 13.32 12.43 -9.43
CA GLN A 193 12.71 11.51 -10.37
C GLN A 193 11.21 11.78 -10.37
N TRP A 194 10.60 11.83 -9.20
CA TRP A 194 9.16 12.10 -9.06
C TRP A 194 8.76 13.36 -9.82
N GLN A 195 9.52 14.43 -9.60
CA GLN A 195 9.30 15.73 -10.20
C GLN A 195 9.33 15.70 -11.71
N THR A 196 10.19 14.86 -12.29
CA THR A 196 10.25 14.77 -13.74
C THR A 196 9.08 13.91 -14.23
N LEU A 197 8.83 12.83 -13.50
CA LEU A 197 7.74 11.92 -13.82
C LEU A 197 6.42 12.68 -13.87
N ALA A 198 6.34 13.77 -13.11
CA ALA A 198 5.15 14.61 -13.06
C ALA A 198 5.07 15.50 -14.30
N GLN A 199 6.22 15.84 -14.87
CA GLN A 199 6.29 16.68 -16.08
C GLN A 199 5.96 15.85 -17.32
N LEU A 200 6.70 14.77 -17.50
CA LEU A 200 6.50 13.89 -18.63
C LEU A 200 5.09 13.32 -18.60
N SER A 201 4.45 13.35 -17.44
CA SER A 201 3.08 12.83 -17.29
C SER A 201 2.00 13.73 -17.88
N VAL A 202 2.17 15.04 -17.72
CA VAL A 202 1.22 16.01 -18.23
C VAL A 202 1.34 16.00 -19.75
N GLU A 203 2.57 15.99 -20.27
CA GLU A 203 2.83 15.98 -21.70
C GLU A 203 2.15 14.80 -22.37
N LYS A 204 2.65 13.60 -22.11
CA LYS A 204 2.09 12.39 -22.70
C LYS A 204 0.60 12.24 -22.37
N GLY A 205 0.17 12.94 -21.34
CA GLY A 205 -1.22 12.91 -20.94
C GLY A 205 -1.74 11.64 -20.29
N TRP A 206 -0.99 11.08 -19.35
CA TRP A 206 -1.49 9.90 -18.66
C TRP A 206 -2.48 10.39 -17.61
N LEU A 207 -3.14 9.44 -16.94
CA LEU A 207 -4.07 9.77 -15.86
C LEU A 207 -3.51 9.06 -14.66
N PRO A 208 -2.86 9.80 -13.74
CA PRO A 208 -2.27 9.22 -12.53
C PRO A 208 -3.30 8.52 -11.65
N LEU A 209 -2.83 7.48 -10.96
CA LEU A 209 -3.66 6.72 -10.03
C LEU A 209 -2.68 6.22 -8.97
N PHE A 210 -2.46 7.02 -7.93
CA PHE A 210 -1.54 6.64 -6.86
C PHE A 210 -2.17 5.60 -5.94
N ASP A 211 -1.38 4.61 -5.55
CA ASP A 211 -1.86 3.60 -4.62
C ASP A 211 -1.01 3.90 -3.37
N PHE A 212 -1.62 4.60 -2.41
CA PHE A 212 -0.94 4.99 -1.17
C PHE A 212 -1.43 4.14 0.00
N ALA A 213 -0.60 3.21 0.43
CA ALA A 213 -0.98 2.31 1.53
C ALA A 213 0.01 2.27 2.70
N TYR A 214 1.18 2.85 2.53
CA TYR A 214 2.20 2.85 3.58
C TYR A 214 2.69 4.25 3.87
N GLN A 215 1.77 5.17 4.04
CA GLN A 215 2.18 6.54 4.34
C GLN A 215 2.71 6.59 5.77
N GLY A 216 3.89 7.17 5.95
CA GLY A 216 4.45 7.25 7.28
C GLY A 216 5.46 6.16 7.59
N PHE A 217 5.61 5.20 6.68
CA PHE A 217 6.55 4.09 6.86
C PHE A 217 7.90 4.22 6.19
N ALA A 218 8.09 5.29 5.42
CA ALA A 218 9.38 5.46 4.77
C ALA A 218 10.14 6.49 5.58
N ARG A 219 9.65 7.72 5.59
CA ARG A 219 10.31 8.78 6.34
C ARG A 219 9.39 9.63 7.21
N GLY A 220 8.09 9.40 7.11
CA GLY A 220 7.16 10.17 7.92
C GLY A 220 6.00 10.65 7.09
N LEU A 221 4.83 10.81 7.72
CA LEU A 221 3.63 11.26 7.04
C LEU A 221 3.81 12.31 5.95
N GLU A 222 4.48 13.41 6.25
CA GLU A 222 4.66 14.45 5.23
C GLU A 222 5.64 14.08 4.11
N GLU A 223 6.85 13.67 4.49
CA GLU A 223 7.87 13.32 3.51
C GLU A 223 7.36 12.30 2.50
N ASP A 224 6.61 11.32 3.00
CA ASP A 224 6.04 10.28 2.17
C ASP A 224 5.01 10.78 1.17
N ALA A 225 4.55 12.01 1.30
CA ALA A 225 3.58 12.52 0.35
C ALA A 225 4.19 13.40 -0.74
N GLU A 226 5.52 13.62 -0.70
CA GLU A 226 6.20 14.44 -1.71
C GLU A 226 5.72 14.11 -3.13
N GLY A 227 5.76 12.83 -3.47
CA GLY A 227 5.36 12.37 -4.79
C GLY A 227 3.94 12.76 -5.16
N LEU A 228 2.96 12.19 -4.48
CA LEU A 228 1.57 12.52 -4.75
C LEU A 228 1.40 14.02 -4.80
N ARG A 229 2.22 14.72 -4.04
CA ARG A 229 2.16 16.17 -4.00
C ARG A 229 2.77 16.81 -5.25
N ALA A 230 3.79 16.16 -5.81
CA ALA A 230 4.44 16.66 -7.00
C ALA A 230 3.43 16.58 -8.15
N PHE A 231 2.85 15.41 -8.34
CA PHE A 231 1.86 15.25 -9.39
C PHE A 231 0.68 16.19 -9.15
N ALA A 232 0.12 16.17 -7.94
CA ALA A 232 -1.02 17.02 -7.59
C ALA A 232 -0.77 18.49 -7.92
N ALA A 233 0.49 18.89 -7.86
CA ALA A 233 0.85 20.27 -8.16
C ALA A 233 0.74 20.52 -9.66
N MET A 234 1.07 19.50 -10.45
CA MET A 234 1.09 19.59 -11.91
C MET A 234 -0.21 19.24 -12.68
N HIS A 235 -0.92 18.22 -12.22
CA HIS A 235 -2.12 17.78 -12.91
C HIS A 235 -3.41 18.49 -12.57
N LYS A 236 -4.30 18.49 -13.55
CA LYS A 236 -5.62 19.10 -13.42
C LYS A 236 -6.53 18.04 -12.82
N GLU A 237 -6.18 16.78 -13.04
CA GLU A 237 -6.99 15.69 -12.53
C GLU A 237 -6.12 14.53 -12.12
N LEU A 238 -6.58 13.81 -11.09
CA LEU A 238 -5.92 12.62 -10.59
C LEU A 238 -6.83 11.88 -9.63
N ILE A 239 -6.42 10.67 -9.29
CA ILE A 239 -7.15 9.82 -8.37
C ILE A 239 -6.14 9.24 -7.39
N VAL A 240 -6.57 9.06 -6.14
CA VAL A 240 -5.70 8.47 -5.16
C VAL A 240 -6.48 7.56 -4.24
N ALA A 241 -5.95 6.34 -4.08
CA ALA A 241 -6.52 5.32 -3.25
C ALA A 241 -5.56 5.12 -2.07
N SER A 242 -6.00 5.54 -0.88
CA SER A 242 -5.20 5.42 0.34
C SER A 242 -5.78 4.37 1.28
N SER A 243 -4.94 3.84 2.15
CA SER A 243 -5.40 2.83 3.08
C SER A 243 -4.89 3.12 4.46
N TYR A 244 -5.72 2.88 5.46
CA TYR A 244 -5.33 3.08 6.85
C TYR A 244 -5.02 1.77 7.57
N SER A 245 -5.03 0.68 6.82
CA SER A 245 -4.75 -0.64 7.36
C SER A 245 -3.43 -0.80 8.13
N LYS A 246 -2.36 -0.19 7.62
CA LYS A 246 -1.05 -0.30 8.25
C LYS A 246 -0.69 0.79 9.23
N ASN A 247 -0.61 2.02 8.75
CA ASN A 247 -0.28 3.16 9.60
C ASN A 247 -1.25 3.34 10.77
N PHE A 248 -2.28 2.50 10.85
CA PHE A 248 -3.27 2.57 11.91
C PHE A 248 -3.57 1.19 12.51
N GLY A 249 -2.92 0.13 12.02
CA GLY A 249 -3.18 -1.19 12.55
C GLY A 249 -4.64 -1.59 12.46
N LEU A 250 -5.39 -0.97 11.54
CA LEU A 250 -6.82 -1.27 11.38
C LEU A 250 -7.14 -2.31 10.32
N TYR A 251 -6.16 -3.13 9.98
CA TYR A 251 -6.30 -4.18 8.98
C TYR A 251 -7.71 -4.72 8.72
N ASN A 252 -8.29 -5.45 9.66
CA ASN A 252 -9.61 -6.06 9.46
C ASN A 252 -10.88 -5.21 9.56
N GLU A 253 -10.73 -3.89 9.67
CA GLU A 253 -11.90 -3.04 9.77
C GLU A 253 -12.20 -2.42 8.40
N ARG A 254 -11.28 -2.64 7.47
CA ARG A 254 -11.39 -2.17 6.08
C ARG A 254 -11.69 -0.70 6.02
N VAL A 255 -10.65 0.11 6.13
CA VAL A 255 -10.82 1.54 6.12
C VAL A 255 -9.80 2.20 5.19
N GLY A 256 -10.33 2.87 4.16
CA GLY A 256 -9.51 3.55 3.19
C GLY A 256 -10.35 4.58 2.44
N ALA A 257 -9.72 5.33 1.55
CA ALA A 257 -10.44 6.35 0.80
C ALA A 257 -10.04 6.42 -0.69
N CYS A 258 -10.97 6.92 -1.50
CA CYS A 258 -10.74 7.11 -2.93
C CYS A 258 -10.98 8.58 -3.19
N THR A 259 -9.90 9.32 -3.38
CA THR A 259 -9.98 10.76 -3.60
C THR A 259 -9.87 11.20 -5.05
N LEU A 260 -10.95 11.81 -5.55
CA LEU A 260 -11.02 12.31 -6.92
C LEU A 260 -10.62 13.77 -7.05
N VAL A 261 -9.51 14.05 -7.72
CA VAL A 261 -9.10 15.43 -7.93
C VAL A 261 -9.43 15.75 -9.39
N ALA A 262 -10.28 16.76 -9.60
CA ALA A 262 -10.65 17.20 -10.95
C ALA A 262 -10.18 18.64 -11.12
N ALA A 263 -10.46 19.26 -12.27
CA ALA A 263 -10.02 20.63 -12.55
C ALA A 263 -10.79 21.76 -11.86
N ASP A 264 -11.98 21.47 -11.37
CA ASP A 264 -12.77 22.50 -10.69
C ASP A 264 -13.93 21.89 -9.95
N SER A 265 -14.37 22.59 -8.91
CA SER A 265 -15.47 22.16 -8.06
C SER A 265 -16.68 21.69 -8.85
N GLU A 266 -17.07 22.46 -9.85
CA GLU A 266 -18.24 22.15 -10.66
C GLU A 266 -18.20 20.77 -11.28
N THR A 267 -17.05 20.38 -11.85
CA THR A 267 -16.96 19.06 -12.47
C THR A 267 -16.67 17.94 -11.48
N VAL A 268 -15.87 18.22 -10.45
CA VAL A 268 -15.53 17.21 -9.44
C VAL A 268 -16.79 16.68 -8.78
N ASP A 269 -17.84 17.50 -8.74
CA ASP A 269 -19.10 17.07 -8.18
C ASP A 269 -19.76 16.11 -9.16
N ARG A 270 -19.74 16.47 -10.45
CA ARG A 270 -20.33 15.64 -11.51
C ARG A 270 -19.66 14.27 -11.56
N ALA A 271 -18.33 14.29 -11.60
CA ALA A 271 -17.55 13.06 -11.64
C ALA A 271 -17.78 12.19 -10.40
N PHE A 272 -17.93 12.83 -9.25
CA PHE A 272 -18.15 12.13 -8.00
C PHE A 272 -19.51 11.46 -7.90
N SER A 273 -20.55 12.13 -8.41
CA SER A 273 -21.90 11.57 -8.36
C SER A 273 -21.92 10.20 -9.02
N GLN A 274 -21.14 10.05 -10.09
CA GLN A 274 -21.07 8.78 -10.83
C GLN A 274 -20.25 7.77 -10.04
N MET A 275 -19.31 8.29 -9.26
CA MET A 275 -18.48 7.43 -8.42
C MET A 275 -19.39 6.86 -7.36
N LYS A 276 -20.20 7.73 -6.76
CA LYS A 276 -21.12 7.30 -5.74
C LYS A 276 -22.00 6.23 -6.34
N ALA A 277 -22.39 6.41 -7.60
CA ALA A 277 -23.23 5.45 -8.31
C ALA A 277 -22.61 4.05 -8.36
N ALA A 278 -21.29 3.99 -8.62
CA ALA A 278 -20.54 2.73 -8.68
C ALA A 278 -20.63 2.02 -7.33
N ILE A 279 -20.34 2.78 -6.28
CA ILE A 279 -20.36 2.34 -4.88
C ILE A 279 -21.74 1.77 -4.50
N ARG A 280 -22.78 2.54 -4.74
CA ARG A 280 -24.13 2.15 -4.42
C ARG A 280 -24.46 0.80 -4.99
N ALA A 281 -23.85 0.47 -6.13
CA ALA A 281 -24.11 -0.79 -6.78
C ALA A 281 -23.20 -1.87 -6.26
N ASN A 282 -22.09 -1.47 -5.65
CA ASN A 282 -21.18 -2.45 -5.10
C ASN A 282 -21.56 -2.84 -3.67
N TYR A 283 -21.36 -1.92 -2.72
CA TYR A 283 -21.68 -2.22 -1.32
C TYR A 283 -22.63 -1.25 -0.59
N SER A 284 -23.08 -0.21 -1.29
CA SER A 284 -24.03 0.78 -0.74
C SER A 284 -23.42 1.89 0.07
N ASN A 285 -22.97 1.57 1.29
CA ASN A 285 -22.33 2.56 2.16
C ASN A 285 -21.16 1.83 2.77
N PRO A 286 -20.16 2.57 3.25
CA PRO A 286 -19.00 1.91 3.84
C PRO A 286 -19.22 1.52 5.32
N PRO A 287 -18.29 0.75 5.90
CA PRO A 287 -18.38 0.32 7.30
C PRO A 287 -17.94 1.51 8.18
N ALA A 288 -18.78 1.92 9.12
CA ALA A 288 -18.46 3.07 9.97
C ALA A 288 -17.35 2.96 11.03
N HIS A 289 -17.27 1.82 11.71
CA HIS A 289 -16.29 1.64 12.78
C HIS A 289 -14.86 2.11 12.55
N GLY A 290 -14.11 1.37 11.76
CA GLY A 290 -12.73 1.73 11.50
C GLY A 290 -12.55 3.16 11.06
N ALA A 291 -13.50 3.68 10.29
CA ALA A 291 -13.42 5.06 9.80
C ALA A 291 -13.64 6.05 10.93
N SER A 292 -14.57 5.73 11.82
CA SER A 292 -14.86 6.58 12.96
C SER A 292 -13.65 6.64 13.86
N VAL A 293 -13.02 5.49 14.06
CA VAL A 293 -11.83 5.45 14.89
C VAL A 293 -10.77 6.38 14.29
N VAL A 294 -10.74 6.50 12.97
CA VAL A 294 -9.75 7.36 12.29
C VAL A 294 -10.11 8.85 12.29
N ALA A 295 -11.38 9.17 12.13
CA ALA A 295 -11.75 10.57 12.14
C ALA A 295 -11.43 11.19 13.50
N THR A 296 -11.93 10.55 14.57
CA THR A 296 -11.71 11.04 15.92
C THR A 296 -10.23 11.09 16.31
N ILE A 297 -9.46 10.07 15.96
CA ILE A 297 -8.05 10.11 16.30
C ILE A 297 -7.35 11.27 15.64
N LEU A 298 -7.75 11.58 14.41
CA LEU A 298 -7.10 12.67 13.70
C LEU A 298 -7.62 14.06 14.02
N SER A 299 -8.86 14.16 14.45
CA SER A 299 -9.44 15.46 14.77
C SER A 299 -9.22 15.85 16.25
N ASN A 300 -8.61 14.94 17.01
CA ASN A 300 -8.33 15.17 18.43
C ASN A 300 -6.81 15.23 18.61
N ASP A 301 -6.30 16.36 19.08
CA ASP A 301 -4.87 16.53 19.26
C ASP A 301 -4.14 15.66 20.28
N ALA A 302 -4.81 15.23 21.35
CA ALA A 302 -4.15 14.37 22.33
C ALA A 302 -3.97 13.00 21.70
N LEU A 303 -5.05 12.48 21.13
CA LEU A 303 -5.08 11.18 20.48
C LEU A 303 -4.23 11.15 19.23
N ARG A 304 -4.22 12.23 18.46
CA ARG A 304 -3.42 12.24 17.27
C ARG A 304 -1.95 12.15 17.65
N ALA A 305 -1.57 12.84 18.72
CA ALA A 305 -0.18 12.85 19.19
C ALA A 305 0.29 11.47 19.62
N ILE A 306 -0.55 10.77 20.36
CA ILE A 306 -0.19 9.42 20.79
C ILE A 306 -0.02 8.56 19.54
N TRP A 307 -1.02 8.59 18.66
CA TRP A 307 -0.99 7.81 17.41
C TRP A 307 0.24 8.12 16.57
N GLU A 308 0.45 9.41 16.35
CA GLU A 308 1.56 9.90 15.57
C GLU A 308 2.89 9.43 16.13
N GLN A 309 2.89 8.94 17.37
CA GLN A 309 4.11 8.46 18.02
C GLN A 309 4.18 6.96 17.81
N GLU A 310 3.03 6.31 17.88
CA GLU A 310 3.00 4.88 17.66
C GLU A 310 3.49 4.57 16.25
N LEU A 311 2.98 5.30 15.26
CA LEU A 311 3.40 5.11 13.87
C LEU A 311 4.92 5.16 13.77
N THR A 312 5.54 6.16 14.40
CA THR A 312 6.99 6.25 14.31
C THR A 312 7.73 5.15 15.06
N ASP A 313 7.11 4.55 16.08
CA ASP A 313 7.78 3.45 16.78
C ASP A 313 7.85 2.30 15.79
N MET A 314 6.75 2.10 15.05
CA MET A 314 6.67 1.07 14.05
C MET A 314 7.71 1.36 13.00
N ARG A 315 7.64 2.56 12.41
CA ARG A 315 8.60 2.95 11.39
C ARG A 315 10.03 2.72 11.85
N GLN A 316 10.35 3.20 13.04
CA GLN A 316 11.70 3.06 13.58
C GLN A 316 12.09 1.62 13.83
N ARG A 317 11.15 0.79 14.25
CA ARG A 317 11.47 -0.61 14.51
C ARG A 317 11.90 -1.36 13.25
N ILE A 318 11.16 -1.15 12.16
CA ILE A 318 11.47 -1.81 10.89
C ILE A 318 12.87 -1.40 10.41
N GLN A 319 13.21 -0.13 10.61
CA GLN A 319 14.53 0.36 10.22
C GLN A 319 15.66 -0.20 11.09
N ARG A 320 15.33 -0.74 12.27
CA ARG A 320 16.35 -1.33 13.13
C ARG A 320 16.54 -2.74 12.63
N MET A 321 15.43 -3.36 12.21
CA MET A 321 15.46 -4.72 11.70
C MET A 321 16.17 -4.84 10.36
N ARG A 322 16.17 -3.77 9.56
CA ARG A 322 16.87 -3.82 8.28
C ARG A 322 18.37 -3.99 8.49
N GLN A 323 18.98 -3.06 9.21
CA GLN A 323 20.42 -3.12 9.47
C GLN A 323 20.83 -4.26 10.38
N LEU A 324 19.93 -4.75 11.21
CA LEU A 324 20.30 -5.86 12.07
C LEU A 324 20.44 -7.05 11.12
N PHE A 325 19.52 -7.14 10.16
CA PHE A 325 19.49 -8.20 9.15
C PHE A 325 20.77 -8.19 8.33
N VAL A 326 21.15 -7.02 7.83
CA VAL A 326 22.37 -6.90 7.05
C VAL A 326 23.58 -7.37 7.87
N ASN A 327 23.77 -6.80 9.05
CA ASN A 327 24.87 -7.14 9.94
C ASN A 327 24.94 -8.61 10.31
N THR A 328 23.80 -9.19 10.67
CA THR A 328 23.76 -10.60 11.06
C THR A 328 24.19 -11.54 9.92
N LEU A 329 23.70 -11.29 8.70
CA LEU A 329 24.06 -12.10 7.54
C LEU A 329 25.56 -12.02 7.34
N GLN A 330 26.05 -10.78 7.28
CA GLN A 330 27.48 -10.49 7.11
C GLN A 330 28.31 -11.13 8.22
N GLU A 331 27.64 -11.54 9.29
CA GLU A 331 28.27 -12.14 10.44
C GLU A 331 28.34 -13.66 10.39
N LYS A 332 27.24 -14.30 10.00
CA LYS A 332 27.19 -15.76 9.94
C LYS A 332 28.26 -16.38 9.06
N GLY A 333 28.64 -15.69 7.97
CA GLY A 333 29.79 -16.15 7.20
C GLY A 333 29.65 -16.57 5.74
N ALA A 334 30.06 -15.72 4.80
CA ALA A 334 30.01 -16.03 3.35
C ALA A 334 30.03 -14.86 2.38
N ASN A 335 30.33 -15.18 1.13
CA ASN A 335 30.33 -14.21 0.05
C ASN A 335 28.85 -13.85 -0.10
N ARG A 336 28.59 -12.55 -0.27
CA ARG A 336 27.25 -12.00 -0.41
C ARG A 336 27.42 -10.48 -0.39
N ASP A 337 26.42 -9.79 0.18
CA ASP A 337 26.37 -8.33 0.38
C ASP A 337 24.95 -7.79 0.23
N PHE A 338 24.22 -7.82 1.33
CA PHE A 338 22.84 -7.35 1.35
C PHE A 338 22.70 -5.90 1.81
N SER A 339 23.75 -5.11 1.61
CA SER A 339 23.73 -3.71 2.00
C SER A 339 22.60 -2.90 1.33
N PHE A 340 22.15 -3.35 0.16
CA PHE A 340 21.10 -2.64 -0.54
C PHE A 340 19.80 -2.63 0.26
N ILE A 341 19.62 -3.66 1.08
CA ILE A 341 18.44 -3.81 1.94
C ILE A 341 18.23 -2.57 2.79
N ILE A 342 19.33 -2.00 3.28
CA ILE A 342 19.29 -0.81 4.14
C ILE A 342 18.75 0.41 3.38
N LYS A 343 18.77 0.36 2.06
CA LYS A 343 18.30 1.48 1.27
C LYS A 343 16.82 1.44 0.90
N GLN A 344 16.19 0.28 1.12
CA GLN A 344 14.77 0.13 0.79
C GLN A 344 13.82 0.49 1.93
N ASN A 345 12.73 1.18 1.58
CA ASN A 345 11.74 1.63 2.55
C ASN A 345 10.69 0.58 2.83
N GLY A 346 9.79 0.91 3.75
CA GLY A 346 8.70 0.02 4.09
C GLY A 346 9.01 -1.26 4.80
N MET A 347 8.05 -2.19 4.75
CA MET A 347 8.13 -3.49 5.41
C MET A 347 8.70 -4.59 4.53
N PHE A 348 8.77 -4.34 3.22
CA PHE A 348 9.26 -5.35 2.29
C PHE A 348 10.59 -5.00 1.66
N SER A 349 11.16 -6.00 1.03
CA SER A 349 12.42 -5.89 0.36
C SER A 349 12.55 -7.16 -0.49
N PHE A 350 13.28 -7.05 -1.60
CA PHE A 350 13.47 -8.20 -2.46
C PHE A 350 14.75 -8.93 -2.06
N SER A 351 14.55 -10.04 -1.35
CA SER A 351 15.62 -10.88 -0.84
C SER A 351 16.68 -11.15 -1.89
N GLY A 352 16.26 -11.44 -3.12
CA GLY A 352 17.19 -11.74 -4.19
C GLY A 352 17.52 -13.23 -4.07
N LEU A 353 16.49 -14.00 -3.77
CA LEU A 353 16.62 -15.43 -3.64
C LEU A 353 15.92 -16.05 -4.84
N THR A 354 16.43 -17.18 -5.31
CA THR A 354 15.82 -17.84 -6.44
C THR A 354 14.61 -18.59 -5.91
N LYS A 355 13.62 -18.82 -6.77
CA LYS A 355 12.42 -19.54 -6.36
C LYS A 355 12.85 -20.82 -5.66
N GLU A 356 13.97 -21.38 -6.11
CA GLU A 356 14.52 -22.60 -5.52
C GLU A 356 14.96 -22.40 -4.07
N GLN A 357 15.84 -21.43 -3.86
CA GLN A 357 16.34 -21.09 -2.53
C GLN A 357 15.18 -20.92 -1.59
N VAL A 358 14.20 -20.13 -2.01
CA VAL A 358 13.00 -19.88 -1.22
C VAL A 358 12.29 -21.17 -0.78
N LEU A 359 12.32 -22.20 -1.63
CA LEU A 359 11.70 -23.48 -1.27
C LEU A 359 12.58 -24.27 -0.34
N ARG A 360 13.89 -24.13 -0.48
CA ARG A 360 14.82 -24.85 0.40
C ARG A 360 14.63 -24.30 1.82
N LEU A 361 14.42 -22.99 1.88
CA LEU A 361 14.19 -22.29 3.14
C LEU A 361 12.88 -22.74 3.79
N ARG A 362 11.77 -22.45 3.13
CA ARG A 362 10.47 -22.78 3.67
C ARG A 362 10.07 -24.24 3.68
N GLU A 363 11.04 -25.13 3.52
CA GLU A 363 10.73 -26.56 3.50
C GLU A 363 11.81 -27.35 4.24
N GLU A 364 13.02 -26.81 4.30
CA GLU A 364 14.10 -27.48 5.00
C GLU A 364 14.36 -26.71 6.29
N PHE A 365 13.92 -25.46 6.31
CA PHE A 365 14.12 -24.58 7.45
C PHE A 365 12.83 -23.95 7.92
N GLY A 366 11.72 -24.32 7.30
CA GLY A 366 10.45 -23.75 7.71
C GLY A 366 10.37 -22.24 7.64
N VAL A 367 11.46 -21.56 7.28
CA VAL A 367 11.44 -20.10 7.16
C VAL A 367 10.57 -19.75 5.96
N TYR A 368 9.37 -19.22 6.20
CA TYR A 368 8.48 -18.87 5.11
C TYR A 368 8.74 -17.52 4.50
N ALA A 369 8.51 -17.42 3.19
CA ALA A 369 8.70 -16.20 2.40
C ALA A 369 7.92 -16.37 1.10
N VAL A 370 7.60 -15.26 0.42
CA VAL A 370 6.85 -15.30 -0.85
C VAL A 370 7.77 -15.69 -2.03
N ALA A 371 7.33 -16.62 -2.87
CA ALA A 371 8.11 -17.11 -4.02
C ALA A 371 9.03 -16.10 -4.70
N SER A 372 8.54 -14.88 -4.88
CA SER A 372 9.33 -13.82 -5.50
C SER A 372 10.61 -13.49 -4.73
N GLY A 373 10.69 -13.99 -3.51
CA GLY A 373 11.84 -13.73 -2.67
C GLY A 373 11.59 -12.45 -1.92
N ARG A 374 10.32 -12.11 -1.69
CA ARG A 374 10.00 -10.89 -0.96
C ARG A 374 9.94 -11.30 0.49
N VAL A 375 10.56 -10.49 1.34
CA VAL A 375 10.60 -10.77 2.76
C VAL A 375 10.08 -9.59 3.58
N ASN A 376 9.15 -9.87 4.49
CA ASN A 376 8.60 -8.83 5.36
C ASN A 376 9.55 -8.62 6.54
N VAL A 377 10.30 -7.55 6.47
CA VAL A 377 11.25 -7.17 7.50
C VAL A 377 10.57 -6.94 8.85
N ALA A 378 9.37 -6.36 8.81
CA ALA A 378 8.60 -6.08 10.04
C ALA A 378 8.06 -7.36 10.67
N GLY A 379 8.69 -8.49 10.39
CA GLY A 379 8.25 -9.74 10.97
C GLY A 379 9.48 -10.35 11.60
N MET A 380 10.57 -9.59 11.58
CA MET A 380 11.83 -10.04 12.14
C MET A 380 11.97 -9.45 13.54
N THR A 381 12.35 -10.30 14.50
CA THR A 381 12.55 -9.90 15.90
C THR A 381 14.01 -10.18 16.22
N PRO A 382 14.54 -9.62 17.32
CA PRO A 382 15.95 -9.91 17.61
C PRO A 382 16.17 -11.36 17.98
N ASP A 383 15.10 -12.04 18.38
CA ASP A 383 15.19 -13.45 18.77
C ASP A 383 15.14 -14.50 17.67
N ASN A 384 14.63 -14.14 16.49
CA ASN A 384 14.58 -15.10 15.39
C ASN A 384 15.63 -14.80 14.34
N MET A 385 16.24 -13.61 14.46
CA MET A 385 17.26 -13.18 13.51
C MET A 385 18.41 -14.19 13.36
N ALA A 386 18.76 -14.91 14.42
CA ALA A 386 19.85 -15.88 14.34
C ALA A 386 19.55 -17.09 13.48
N PRO A 387 18.56 -17.92 13.87
CA PRO A 387 18.26 -19.09 13.04
C PRO A 387 17.88 -18.71 11.60
N LEU A 388 17.26 -17.54 11.46
CA LEU A 388 16.85 -17.03 10.16
C LEU A 388 18.07 -16.92 9.24
N CYS A 389 19.01 -16.07 9.62
CA CYS A 389 20.22 -15.86 8.83
C CYS A 389 21.02 -17.14 8.62
N GLU A 390 20.88 -18.09 9.53
CA GLU A 390 21.57 -19.37 9.42
C GLU A 390 20.97 -20.09 8.22
N ALA A 391 19.64 -20.09 8.16
CA ALA A 391 18.91 -20.72 7.07
C ALA A 391 19.34 -20.09 5.75
N ILE A 392 19.24 -18.77 5.68
CA ILE A 392 19.60 -18.03 4.49
C ILE A 392 21.02 -18.33 4.03
N VAL A 393 22.01 -18.01 4.85
CA VAL A 393 23.38 -18.27 4.48
C VAL A 393 23.55 -19.72 3.99
N ALA A 394 22.84 -20.66 4.64
CA ALA A 394 22.94 -22.08 4.27
C ALA A 394 22.47 -22.40 2.85
N VAL A 395 21.64 -21.53 2.30
CA VAL A 395 21.10 -21.70 0.96
C VAL A 395 21.65 -20.70 -0.05
N LEU A 396 22.90 -20.28 0.14
CA LEU A 396 23.55 -19.31 -0.75
C LEU A 396 24.60 -19.96 -1.68
N1 PY4 B . -1.80 -1.54 -2.10
C2 PY4 B . -0.71 -2.29 -1.71
C2A PY4 B . 0.48 -1.92 -2.59
C3 PY4 B . -0.88 -3.25 -0.63
O3 PY4 B . 0.29 -3.90 -0.36
C4 PY4 B . -2.08 -3.43 0.05
C4A PY4 B . -2.24 -4.43 1.21
C5 PY4 B . -3.10 -2.57 -0.47
C6 PY4 B . -2.99 -1.67 -1.50
C5A PY4 B . -4.51 -2.58 0.09
O4P PY4 B . -4.75 -3.40 1.15
P PY4 B . -5.87 -3.05 2.19
O1P PY4 B . -5.87 -1.65 2.49
O2P PY4 B . -5.81 -4.12 3.24
O3P PY4 B . -7.13 -3.21 1.39
N PY4 B . -0.91 -5.19 1.31
CA PY4 B . -1.15 -6.68 1.26
C PY4 B . 0.18 -7.44 1.37
O PY4 B . 1.21 -6.66 1.00
CB PY4 B . -2.14 -7.12 2.33
CG PY4 B . -3.59 -7.20 1.81
OXT PY4 B . 0.29 -8.68 1.74
#